data_5N6G
#
_entry.id   5N6G
#
_cell.length_a   60.090
_cell.length_b   69.160
_cell.length_c   91.890
_cell.angle_alpha   90.00
_cell.angle_beta   90.00
_cell.angle_gamma   90.00
#
_symmetry.space_group_name_H-M   'P 21 21 21'
#
loop_
_entity.id
_entity.type
_entity.pdbx_description
1 polymer 'GTN Reductase'
2 non-polymer 'FLAVIN MONONUCLEOTIDE'
3 non-polymer '2-Phenylacrylic acid'
4 non-polymer GLYCEROL
5 non-polymer 'ACETATE ION'
6 water water
#
_entity_poly.entity_id   1
_entity_poly.type   'polypeptide(L)'
_entity_poly.pdbx_seq_one_letter_code
;MTSLFEPAQAGDIALANRIVMAPLTRNRSPGAIPNNLNATYYEQRATAGLIVTEGTPISQQGQGYADVPGLYKREAIEGW
KKITDGVHSAGGKIVAQIWHVGRISHTSLQPHGGQPVAPSAITAKSKTYIINDDGTGAFAETSEPRALTIDDIGLILEDY
RSGARAALEAGFDGVEIHAANGYLIEQFLKSSTNQRTDDYGGSIENRARFLLEVVDAVAEEIGAGRTGIRLSPVTPANDI
FEADPQPLYNYVVEQLGKRNLAFIHVVEGATGGPRDFKQGDKPFDYASFKAAYRNAGGKGLWIANNGYDRQSAIEAVESG
KVDAVAFGKAFIANPDLVRRLKNDAPLNAPNQPTFYGGGAEGYTDYPALAQLEHHHHHH
;
_entity_poly.pdbx_strand_id   A
#
loop_
_chem_comp.id
_chem_comp.type
_chem_comp.name
_chem_comp.formula
8OZ non-polymer '2-Phenylacrylic acid' 'C9 H8 O2'
ACT non-polymer 'ACETATE ION' 'C2 H3 O2 -1'
FMN non-polymer 'FLAVIN MONONUCLEOTIDE' 'C17 H21 N4 O9 P'
GOL non-polymer GLYCEROL 'C3 H8 O3'
#
# COMPACT_ATOMS: atom_id res chain seq x y z
N THR A 2 9.74 2.91 24.78
CA THR A 2 9.78 1.99 23.65
C THR A 2 10.85 2.43 22.65
N SER A 3 11.60 1.47 22.14
CA SER A 3 12.67 1.71 21.20
C SER A 3 12.25 1.26 19.80
N LEU A 4 12.76 1.99 18.80
CA LEU A 4 12.60 1.58 17.40
C LEU A 4 13.10 0.17 17.16
N PHE A 5 14.06 -0.28 17.97
CA PHE A 5 14.74 -1.54 17.73
C PHE A 5 14.13 -2.70 18.50
N GLU A 6 13.10 -2.45 19.31
CA GLU A 6 12.57 -3.57 20.07
C GLU A 6 11.33 -4.16 19.41
N PRO A 7 10.96 -5.38 19.78
CA PRO A 7 9.87 -6.08 19.09
C PRO A 7 8.53 -5.40 19.30
N ALA A 8 7.60 -5.76 18.42
CA ALA A 8 6.24 -5.28 18.50
C ALA A 8 5.29 -6.38 18.05
N GLN A 9 4.00 -6.12 18.26
CA GLN A 9 2.94 -7.04 17.88
C GLN A 9 1.93 -6.27 17.05
N ALA A 10 1.63 -6.78 15.87
CA ALA A 10 0.61 -6.20 15.01
C ALA A 10 -0.46 -7.26 14.85
N GLY A 11 -1.50 -7.20 15.67
CA GLY A 11 -2.53 -8.23 15.62
C GLY A 11 -1.91 -9.58 15.92
N ASP A 12 -2.02 -10.51 14.97
CA ASP A 12 -1.46 -11.84 15.10
C ASP A 12 0.01 -11.93 14.69
N ILE A 13 0.60 -10.84 14.22
CA ILE A 13 1.93 -10.87 13.63
C ILE A 13 2.92 -10.31 14.65
N ALA A 14 3.93 -11.11 14.99
CA ALA A 14 5.02 -10.68 15.86
C ALA A 14 6.15 -10.09 15.03
N LEU A 15 6.56 -8.87 15.36
CA LEU A 15 7.65 -8.18 14.67
C LEU A 15 8.90 -8.16 15.53
N ALA A 16 10.06 -8.44 14.93
CA ALA A 16 11.31 -8.46 15.68
C ALA A 16 11.81 -7.05 16.01
N ASN A 17 11.35 -6.06 15.28
CA ASN A 17 11.70 -4.66 15.51
C ASN A 17 10.65 -3.80 14.85
N ARG A 18 10.79 -2.49 15.01
CA ARG A 18 9.77 -1.56 14.55
C ARG A 18 10.21 -0.79 13.32
N ILE A 19 11.13 -1.35 12.54
CA ILE A 19 11.57 -0.77 11.27
C ILE A 19 10.87 -1.55 10.18
N VAL A 20 9.99 -0.90 9.43
CA VAL A 20 9.15 -1.52 8.43
C VAL A 20 9.64 -1.11 7.05
N MET A 21 9.66 -2.07 6.12
CA MET A 21 9.90 -1.77 4.72
C MET A 21 8.59 -1.38 4.05
N ALA A 22 8.49 -0.11 3.68
CA ALA A 22 7.29 0.39 3.02
C ALA A 22 7.08 -0.27 1.66
N PRO A 23 5.84 -0.27 1.17
CA PRO A 23 5.55 -0.89 -0.14
C PRO A 23 6.21 -0.09 -1.26
N LEU A 24 6.88 -0.79 -2.17
CA LEU A 24 7.63 -0.14 -3.24
C LEU A 24 7.45 -0.87 -4.56
N THR A 25 6.61 -0.31 -5.44
CA THR A 25 6.49 -0.78 -6.82
C THR A 25 7.81 -0.64 -7.57
N ARG A 26 8.29 -1.75 -8.13
CA ARG A 26 9.54 -1.75 -8.87
C ARG A 26 9.42 -2.23 -10.31
N ASN A 27 8.25 -2.74 -10.71
CA ASN A 27 7.99 -3.17 -12.10
C ASN A 27 9.02 -4.13 -12.65
N ARG A 28 9.32 -5.16 -11.86
CA ARG A 28 10.31 -6.16 -12.25
C ARG A 28 9.73 -7.57 -12.22
N SER A 29 8.42 -7.70 -12.50
CA SER A 29 7.75 -9.00 -12.52
C SER A 29 6.94 -9.17 -13.81
N PRO A 30 7.61 -9.41 -14.93
CA PRO A 30 6.89 -9.64 -16.19
C PRO A 30 5.87 -10.75 -16.06
N GLY A 31 4.72 -10.54 -16.71
CA GLY A 31 3.65 -11.50 -16.67
C GLY A 31 2.88 -11.53 -15.38
N ALA A 32 3.16 -10.58 -14.48
CA ALA A 32 2.47 -10.49 -13.20
C ALA A 32 2.82 -11.66 -12.28
N ILE A 33 4.02 -12.21 -12.43
CA ILE A 33 4.46 -13.40 -11.71
C ILE A 33 5.79 -13.07 -11.04
N PRO A 34 5.90 -13.17 -9.71
CA PRO A 34 7.21 -12.98 -9.08
C PRO A 34 8.21 -14.02 -9.55
N ASN A 35 9.47 -13.61 -9.65
CA ASN A 35 10.52 -14.46 -10.19
C ASN A 35 11.69 -14.57 -9.22
N ASN A 36 12.78 -15.21 -9.63
CA ASN A 36 13.87 -15.48 -8.69
C ASN A 36 14.60 -14.21 -8.27
N LEU A 37 14.74 -13.25 -9.19
CA LEU A 37 15.35 -11.96 -8.84
C LEU A 37 14.53 -11.24 -7.77
N ASN A 38 13.21 -11.25 -7.92
CA ASN A 38 12.33 -10.68 -6.90
C ASN A 38 12.56 -11.33 -5.55
N ALA A 39 12.80 -12.65 -5.54
CA ALA A 39 13.03 -13.35 -4.29
C ALA A 39 14.33 -12.89 -3.65
N THR A 40 15.38 -12.71 -4.44
CA THR A 40 16.63 -12.22 -3.87
C THR A 40 16.42 -10.85 -3.23
N TYR A 41 15.71 -9.97 -3.93
CA TYR A 41 15.48 -8.61 -3.45
C TYR A 41 14.82 -8.59 -2.10
N TYR A 42 13.74 -9.37 -1.92
CA TYR A 42 13.06 -9.35 -0.63
C TYR A 42 13.89 -10.05 0.44
N GLU A 43 14.57 -11.14 0.08
CA GLU A 43 15.38 -11.86 1.07
C GLU A 43 16.51 -10.99 1.61
N GLN A 44 17.05 -10.09 0.76
CA GLN A 44 18.12 -9.18 1.16
C GLN A 44 17.68 -8.24 2.28
N ARG A 45 16.37 -8.00 2.37
CA ARG A 45 15.78 -7.02 3.28
C ARG A 45 14.99 -7.66 4.42
N ALA A 46 15.14 -8.94 4.65
CA ALA A 46 14.32 -9.69 5.60
C ALA A 46 14.66 -9.42 7.05
N THR A 47 15.69 -8.62 7.35
CA THR A 47 15.90 -8.18 8.72
C THR A 47 14.94 -7.06 9.13
N ALA A 48 14.19 -6.49 8.19
CA ALA A 48 13.10 -5.58 8.54
C ALA A 48 12.18 -6.26 9.53
N GLY A 49 11.68 -5.50 10.51
CA GLY A 49 10.66 -6.03 11.39
C GLY A 49 9.44 -6.52 10.64
N LEU A 50 9.05 -5.80 9.59
CA LEU A 50 7.97 -6.19 8.71
C LEU A 50 8.29 -5.67 7.32
N ILE A 51 8.10 -6.52 6.30
CA ILE A 51 8.11 -6.09 4.91
C ILE A 51 6.68 -5.95 4.45
N VAL A 52 6.34 -4.81 3.85
CA VAL A 52 5.12 -4.67 3.06
C VAL A 52 5.55 -4.78 1.61
N THR A 53 4.94 -5.70 0.87
CA THR A 53 5.34 -5.86 -0.51
C THR A 53 4.96 -4.63 -1.32
N GLU A 54 5.59 -4.52 -2.49
CA GLU A 54 5.06 -3.70 -3.57
C GLU A 54 3.57 -3.97 -3.74
N GLY A 55 2.83 -2.98 -4.20
CA GLY A 55 1.43 -3.21 -4.48
C GLY A 55 1.27 -4.40 -5.39
N THR A 56 0.35 -5.29 -5.04
CA THR A 56 0.13 -6.52 -5.79
C THR A 56 -1.36 -6.65 -6.10
N PRO A 57 -1.76 -6.53 -7.36
CA PRO A 57 -3.18 -6.46 -7.68
C PRO A 57 -3.92 -7.75 -7.43
N ILE A 58 -5.18 -7.57 -6.99
CA ILE A 58 -6.08 -8.69 -6.74
C ILE A 58 -6.67 -9.29 -8.02
N SER A 59 -6.52 -8.60 -9.14
CA SER A 59 -7.13 -9.02 -10.39
C SER A 59 -6.43 -8.27 -11.51
N GLN A 60 -6.63 -8.75 -12.74
CA GLN A 60 -6.09 -8.01 -13.88
C GLN A 60 -6.77 -6.64 -14.00
N GLN A 61 -8.07 -6.57 -13.68
CA GLN A 61 -8.78 -5.29 -13.68
C GLN A 61 -8.10 -4.31 -12.72
N GLY A 62 -7.55 -4.80 -11.63
CA GLY A 62 -6.86 -3.95 -10.67
C GLY A 62 -5.45 -3.54 -11.01
N GLN A 63 -4.92 -3.99 -12.15
CA GLN A 63 -3.59 -3.61 -12.61
C GLN A 63 -3.62 -2.24 -13.27
N GLY A 64 -2.59 -1.43 -12.97
CA GLY A 64 -2.44 -0.14 -13.61
C GLY A 64 -1.09 0.14 -14.23
N TYR A 65 -0.11 -0.74 -14.01
CA TYR A 65 1.26 -0.59 -14.52
C TYR A 65 1.75 -1.94 -15.01
N ALA A 66 2.68 -1.89 -15.95
CA ALA A 66 3.23 -3.12 -16.50
C ALA A 66 4.24 -3.77 -15.55
N ASP A 67 4.36 -5.09 -15.68
CA ASP A 67 5.36 -5.90 -15.01
C ASP A 67 5.25 -5.82 -13.49
N VAL A 68 4.01 -5.71 -13.00
CA VAL A 68 3.70 -5.71 -11.58
C VAL A 68 3.21 -7.09 -11.18
N PRO A 69 3.73 -7.67 -10.10
CA PRO A 69 3.29 -9.02 -9.70
C PRO A 69 1.90 -8.95 -9.11
N GLY A 70 1.07 -9.94 -9.43
CA GLY A 70 -0.27 -10.03 -8.90
C GLY A 70 -0.50 -11.23 -7.99
N LEU A 71 -1.78 -11.39 -7.59
CA LEU A 71 -2.22 -12.52 -6.78
C LEU A 71 -3.31 -13.33 -7.49
N TYR A 72 -3.42 -13.22 -8.82
CA TYR A 72 -4.55 -13.80 -9.53
C TYR A 72 -4.16 -14.89 -10.54
N LYS A 73 -2.90 -15.29 -10.57
CA LYS A 73 -2.45 -16.44 -11.34
C LYS A 73 -1.86 -17.47 -10.39
N ARG A 74 -2.07 -18.75 -10.69
CA ARG A 74 -1.47 -19.81 -9.88
C ARG A 74 0.04 -19.65 -9.85
N GLU A 75 0.63 -19.36 -11.01
CA GLU A 75 2.07 -19.18 -11.10
C GLU A 75 2.53 -18.03 -10.21
N ALA A 76 1.70 -17.01 -10.04
CA ALA A 76 2.07 -15.87 -9.20
C ALA A 76 2.07 -16.28 -7.73
N ILE A 77 1.05 -17.05 -7.32
CA ILE A 77 1.03 -17.57 -5.96
C ILE A 77 2.29 -18.39 -5.69
N GLU A 78 2.69 -19.24 -6.63
CA GLU A 78 3.90 -20.04 -6.48
C GLU A 78 5.13 -19.15 -6.36
N GLY A 79 5.21 -18.12 -7.20
CA GLY A 79 6.33 -17.20 -7.12
C GLY A 79 6.40 -16.47 -5.80
N TRP A 80 5.24 -16.04 -5.28
CA TRP A 80 5.23 -15.42 -3.97
C TRP A 80 5.61 -16.39 -2.87
N LYS A 81 5.23 -17.67 -3.00
CA LYS A 81 5.59 -18.64 -1.97
C LYS A 81 7.09 -18.76 -1.82
N LYS A 82 7.84 -18.69 -2.92
CA LYS A 82 9.29 -18.72 -2.82
C LYS A 82 9.79 -17.51 -2.01
N ILE A 83 9.17 -16.35 -2.22
CA ILE A 83 9.56 -15.12 -1.53
C ILE A 83 9.24 -15.21 -0.04
N THR A 84 8.01 -15.60 0.32
CA THR A 84 7.66 -15.64 1.74
C THR A 84 8.45 -16.72 2.47
N ASP A 85 8.68 -17.87 1.83
CA ASP A 85 9.53 -18.87 2.44
C ASP A 85 10.93 -18.31 2.70
N GLY A 86 11.50 -17.58 1.73
CA GLY A 86 12.85 -17.06 1.91
C GLY A 86 12.92 -16.03 3.02
N VAL A 87 11.93 -15.13 3.05
CA VAL A 87 11.89 -14.11 4.10
C VAL A 87 11.75 -14.79 5.45
N HIS A 88 10.86 -15.79 5.54
CA HIS A 88 10.66 -16.47 6.81
C HIS A 88 11.91 -17.22 7.26
N SER A 89 12.62 -17.88 6.32
CA SER A 89 13.83 -18.59 6.69
C SER A 89 14.89 -17.66 7.26
N ALA A 90 14.88 -16.40 6.83
CA ALA A 90 15.77 -15.38 7.35
C ALA A 90 15.25 -14.71 8.61
N GLY A 91 14.12 -15.18 9.15
CA GLY A 91 13.60 -14.68 10.40
C GLY A 91 12.67 -13.50 10.30
N GLY A 92 12.24 -13.13 9.09
CA GLY A 92 11.41 -11.97 8.89
C GLY A 92 9.91 -12.28 8.82
N LYS A 93 9.16 -11.22 8.52
CA LYS A 93 7.71 -11.25 8.40
C LYS A 93 7.33 -10.39 7.21
N ILE A 94 6.26 -10.78 6.51
CA ILE A 94 5.92 -10.09 5.27
C ILE A 94 4.42 -10.14 5.06
N VAL A 95 3.85 -8.98 4.67
CA VAL A 95 2.45 -8.86 4.33
C VAL A 95 2.34 -8.37 2.88
N ALA A 96 1.31 -8.84 2.19
CA ALA A 96 1.07 -8.46 0.81
C ALA A 96 0.21 -7.20 0.76
N GLN A 97 0.66 -6.20 0.01
CA GLN A 97 -0.13 -4.99 -0.18
C GLN A 97 -1.11 -5.24 -1.31
N ILE A 98 -2.34 -5.63 -0.99
CA ILE A 98 -3.28 -6.04 -2.01
C ILE A 98 -3.96 -4.80 -2.59
N TRP A 99 -4.01 -4.74 -3.92
CA TRP A 99 -4.13 -3.48 -4.64
C TRP A 99 -5.22 -3.56 -5.70
N HIS A 100 -5.95 -2.46 -5.85
CA HIS A 100 -6.77 -2.22 -7.03
C HIS A 100 -6.58 -0.77 -7.40
N VAL A 101 -6.12 -0.52 -8.61
CA VAL A 101 -5.78 0.84 -9.04
C VAL A 101 -6.97 1.69 -9.44
N GLY A 102 -8.15 1.10 -9.64
CA GLY A 102 -9.26 1.87 -10.16
C GLY A 102 -8.93 2.59 -11.45
N ARG A 103 -9.19 3.89 -11.50
CA ARG A 103 -9.03 4.64 -12.74
C ARG A 103 -7.59 4.80 -13.21
N ILE A 104 -6.60 4.45 -12.39
CA ILE A 104 -5.20 4.69 -12.74
C ILE A 104 -4.71 3.46 -13.48
N SER A 105 -5.10 3.36 -14.75
CA SER A 105 -4.77 2.20 -15.57
C SER A 105 -4.89 2.58 -17.05
N HIS A 106 -4.70 1.59 -17.90
CA HIS A 106 -4.72 1.76 -19.34
C HIS A 106 -5.47 0.58 -19.93
N THR A 107 -6.18 0.82 -21.04
CA THR A 107 -6.96 -0.24 -21.66
C THR A 107 -6.11 -1.46 -22.01
N SER A 108 -4.84 -1.26 -22.37
CA SER A 108 -3.98 -2.38 -22.77
C SER A 108 -3.68 -3.34 -21.62
N LEU A 109 -3.90 -2.94 -20.37
CA LEU A 109 -3.69 -3.78 -19.20
C LEU A 109 -4.97 -4.45 -18.71
N GLN A 110 -6.14 -4.00 -19.20
CA GLN A 110 -7.43 -4.44 -18.70
C GLN A 110 -7.90 -5.69 -19.43
N PRO A 111 -8.69 -6.52 -18.75
CA PRO A 111 -9.30 -7.65 -19.45
C PRO A 111 -10.20 -7.13 -20.57
N HIS A 112 -10.16 -7.82 -21.69
CA HIS A 112 -10.95 -7.49 -22.87
C HIS A 112 -10.58 -6.13 -23.46
N GLY A 113 -9.47 -5.54 -23.04
CA GLY A 113 -9.14 -4.20 -23.51
C GLY A 113 -10.12 -3.16 -23.00
N GLY A 114 -10.72 -3.41 -21.88
CA GLY A 114 -11.76 -2.54 -21.36
C GLY A 114 -11.26 -1.27 -20.71
N GLN A 115 -12.22 -0.38 -20.48
CA GLN A 115 -11.99 0.82 -19.68
C GLN A 115 -11.62 0.43 -18.26
N PRO A 116 -10.65 1.14 -17.64
CA PRO A 116 -10.49 1.04 -16.19
C PRO A 116 -11.80 1.37 -15.47
N VAL A 117 -11.96 0.88 -14.25
CA VAL A 117 -13.18 1.11 -13.49
C VAL A 117 -12.90 2.08 -12.36
N ALA A 118 -13.95 2.79 -11.95
CA ALA A 118 -13.83 3.81 -10.91
C ALA A 118 -15.21 4.09 -10.33
N PRO A 119 -15.28 4.76 -9.17
CA PRO A 119 -16.60 5.18 -8.66
C PRO A 119 -17.36 6.08 -9.61
N SER A 120 -16.64 6.95 -10.32
CA SER A 120 -17.22 7.89 -11.26
C SER A 120 -16.30 7.98 -12.47
N ALA A 121 -16.90 8.32 -13.61
CA ALA A 121 -16.19 8.31 -14.90
C ALA A 121 -15.50 9.66 -15.09
N ILE A 122 -14.45 9.88 -14.29
CA ILE A 122 -13.60 11.07 -14.35
C ILE A 122 -12.17 10.60 -14.62
N THR A 123 -11.65 10.94 -15.79
CA THR A 123 -10.31 10.54 -16.18
C THR A 123 -9.26 11.24 -15.32
N ALA A 124 -8.26 10.49 -14.89
CA ALA A 124 -7.14 11.07 -14.14
C ALA A 124 -6.12 11.68 -15.08
N LYS A 125 -5.58 12.85 -14.69
CA LYS A 125 -4.41 13.40 -15.34
C LYS A 125 -3.20 12.73 -14.69
N SER A 126 -2.94 11.50 -15.14
N SER A 126 -2.93 11.51 -15.16
CA SER A 126 -1.90 10.65 -14.59
CA SER A 126 -1.84 10.71 -14.61
C SER A 126 -1.25 9.89 -15.74
C SER A 126 -1.29 9.84 -15.72
N LYS A 127 -0.12 9.26 -15.46
CA LYS A 127 0.62 8.52 -16.46
C LYS A 127 0.92 7.14 -15.93
N THR A 128 1.05 6.20 -16.86
CA THR A 128 1.34 4.83 -16.47
C THR A 128 2.37 4.23 -17.40
N TYR A 129 2.72 2.97 -17.12
N TYR A 129 2.61 2.93 -17.17
CA TYR A 129 3.76 2.24 -17.85
CA TYR A 129 3.70 2.11 -17.70
C TYR A 129 3.09 1.05 -18.50
C TYR A 129 3.04 0.99 -18.50
N ILE A 130 3.18 0.97 -19.83
CA ILE A 130 2.49 -0.06 -20.61
C ILE A 130 3.45 -0.80 -21.53
N ILE A 131 2.95 -1.90 -22.11
CA ILE A 131 3.68 -2.71 -23.08
C ILE A 131 2.86 -2.81 -24.36
N ASN A 132 3.47 -2.46 -25.48
CA ASN A 132 2.81 -2.50 -26.77
C ASN A 132 2.72 -3.94 -27.29
N ASP A 133 2.02 -4.10 -28.41
CA ASP A 133 1.86 -5.42 -29.01
C ASP A 133 3.22 -6.02 -29.39
N ASP A 134 4.14 -5.18 -29.87
CA ASP A 134 5.47 -5.66 -30.24
C ASP A 134 6.37 -5.89 -29.04
N GLY A 135 5.86 -5.69 -27.83
CA GLY A 135 6.64 -5.94 -26.64
C GLY A 135 7.43 -4.75 -26.13
N THR A 136 7.40 -3.63 -26.85
CA THR A 136 8.12 -2.44 -26.43
C THR A 136 7.35 -1.74 -25.33
N GLY A 137 8.09 -1.17 -24.38
CA GLY A 137 7.48 -0.41 -23.31
C GLY A 137 7.25 1.03 -23.71
N ALA A 138 6.27 1.66 -23.07
CA ALA A 138 5.99 3.05 -23.36
C ALA A 138 5.21 3.66 -22.20
N PHE A 139 5.41 4.97 -22.01
CA PHE A 139 4.59 5.75 -21.09
C PHE A 139 3.32 6.18 -21.78
N ALA A 140 2.23 6.22 -21.03
CA ALA A 140 0.95 6.56 -21.61
C ALA A 140 0.13 7.30 -20.56
N GLU A 141 -0.73 8.17 -21.06
CA GLU A 141 -1.74 8.77 -20.18
C GLU A 141 -2.72 7.68 -19.78
N THR A 142 -3.21 7.76 -18.55
CA THR A 142 -4.21 6.79 -18.12
C THR A 142 -5.49 6.96 -18.95
N SER A 143 -6.20 5.84 -19.09
CA SER A 143 -7.35 5.73 -19.95
C SER A 143 -8.60 6.29 -19.29
N GLU A 144 -9.59 6.60 -20.13
CA GLU A 144 -10.92 7.02 -19.64
C GLU A 144 -11.58 5.88 -18.87
N PRO A 145 -11.99 6.08 -17.62
CA PRO A 145 -12.63 5.01 -16.86
C PRO A 145 -14.14 4.98 -17.05
N ARG A 146 -14.72 3.84 -16.69
CA ARG A 146 -16.17 3.70 -16.59
C ARG A 146 -16.58 3.62 -15.14
N ALA A 147 -17.79 4.08 -14.84
CA ALA A 147 -18.29 4.09 -13.47
C ALA A 147 -18.82 2.72 -13.09
N LEU A 148 -18.48 2.29 -11.88
CA LEU A 148 -18.87 0.98 -11.38
C LEU A 148 -20.36 0.90 -11.08
N THR A 149 -20.98 -0.22 -11.45
CA THR A 149 -22.31 -0.53 -10.97
C THR A 149 -22.24 -1.20 -9.60
N ILE A 150 -23.38 -1.27 -8.93
CA ILE A 150 -23.46 -2.01 -7.66
C ILE A 150 -23.01 -3.45 -7.85
N ASP A 151 -23.46 -4.10 -8.93
CA ASP A 151 -22.99 -5.47 -9.17
C ASP A 151 -21.49 -5.52 -9.38
N ASP A 152 -20.93 -4.55 -10.11
CA ASP A 152 -19.47 -4.51 -10.28
C ASP A 152 -18.76 -4.42 -8.95
N ILE A 153 -19.28 -3.59 -8.04
CA ILE A 153 -18.68 -3.46 -6.72
C ILE A 153 -18.68 -4.80 -6.00
N GLY A 154 -19.78 -5.55 -6.09
CA GLY A 154 -19.82 -6.88 -5.48
C GLY A 154 -18.76 -7.80 -6.02
N LEU A 155 -18.52 -7.75 -7.33
CA LEU A 155 -17.49 -8.58 -7.93
C LEU A 155 -16.11 -8.19 -7.43
N ILE A 156 -15.88 -6.89 -7.25
CA ILE A 156 -14.57 -6.49 -6.74
C ILE A 156 -14.39 -6.95 -5.30
N LEU A 157 -15.45 -6.89 -4.48
CA LEU A 157 -15.34 -7.40 -3.12
C LEU A 157 -14.96 -8.87 -3.13
N GLU A 158 -15.55 -9.66 -4.04
CA GLU A 158 -15.16 -11.06 -4.16
CA GLU A 158 -15.16 -11.06 -4.18
C GLU A 158 -13.70 -11.19 -4.55
N ASP A 159 -13.21 -10.27 -5.40
CA ASP A 159 -11.79 -10.31 -5.78
C ASP A 159 -10.90 -9.98 -4.58
N TYR A 160 -11.33 -9.07 -3.70
CA TYR A 160 -10.54 -8.84 -2.49
C TYR A 160 -10.55 -10.07 -1.59
N ARG A 161 -11.67 -10.78 -1.50
CA ARG A 161 -11.71 -12.02 -0.73
C ARG A 161 -10.75 -13.04 -1.29
N SER A 162 -10.81 -13.25 -2.61
CA SER A 162 -9.94 -14.28 -3.17
C SER A 162 -8.49 -13.85 -3.14
N GLY A 163 -8.20 -12.55 -3.29
CA GLY A 163 -6.84 -12.07 -3.17
C GLY A 163 -6.26 -12.23 -1.78
N ALA A 164 -7.06 -11.98 -0.75
CA ALA A 164 -6.62 -12.20 0.62
C ALA A 164 -6.34 -13.69 0.86
N ARG A 165 -7.24 -14.57 0.38
CA ARG A 165 -7.04 -16.01 0.49
C ARG A 165 -5.78 -16.44 -0.26
N ALA A 166 -5.57 -15.87 -1.45
CA ALA A 166 -4.37 -16.18 -2.22
C ALA A 166 -3.11 -15.79 -1.47
N ALA A 167 -3.16 -14.64 -0.79
CA ALA A 167 -2.00 -14.20 -0.01
C ALA A 167 -1.68 -15.20 1.09
N LEU A 168 -2.69 -15.69 1.80
CA LEU A 168 -2.42 -16.72 2.81
C LEU A 168 -1.88 -18.00 2.17
N GLU A 169 -2.42 -18.39 1.02
CA GLU A 169 -1.92 -19.59 0.35
C GLU A 169 -0.46 -19.43 -0.05
N ALA A 170 -0.06 -18.22 -0.39
CA ALA A 170 1.31 -17.91 -0.75
C ALA A 170 2.23 -17.74 0.46
N GLY A 171 1.71 -17.92 1.67
CA GLY A 171 2.55 -17.91 2.85
C GLY A 171 2.74 -16.56 3.51
N PHE A 172 2.01 -15.53 3.10
CA PHE A 172 2.12 -14.24 3.74
C PHE A 172 1.60 -14.32 5.17
N ASP A 173 2.18 -13.49 6.03
CA ASP A 173 1.70 -13.35 7.41
C ASP A 173 0.40 -12.58 7.51
N GLY A 174 -0.01 -11.90 6.45
CA GLY A 174 -1.18 -11.06 6.45
C GLY A 174 -1.17 -10.20 5.20
N VAL A 175 -2.06 -9.22 5.18
CA VAL A 175 -2.17 -8.29 4.06
C VAL A 175 -2.28 -6.87 4.58
N GLU A 176 -1.81 -5.95 3.75
CA GLU A 176 -2.08 -4.53 3.91
C GLU A 176 -3.02 -4.13 2.76
N ILE A 177 -4.21 -3.68 3.09
CA ILE A 177 -5.12 -3.18 2.07
C ILE A 177 -4.60 -1.83 1.59
N HIS A 178 -4.35 -1.71 0.28
CA HIS A 178 -3.93 -0.42 -0.28
C HIS A 178 -5.14 0.50 -0.37
N ALA A 179 -5.26 1.44 0.56
CA ALA A 179 -6.37 2.39 0.55
C ALA A 179 -5.82 3.81 0.49
N ALA A 180 -4.72 3.97 -0.23
CA ALA A 180 -3.94 5.18 -0.24
C ALA A 180 -3.65 5.61 -1.69
N ASN A 181 -3.00 6.77 -1.79
CA ASN A 181 -2.36 7.28 -3.01
C ASN A 181 -3.26 7.30 -4.23
N GLY A 182 -4.53 7.67 -4.03
CA GLY A 182 -5.40 7.93 -5.18
C GLY A 182 -5.90 6.71 -5.93
N TYR A 183 -5.76 5.50 -5.39
CA TYR A 183 -6.22 4.31 -6.08
C TYR A 183 -7.69 4.05 -5.74
N LEU A 184 -8.19 2.84 -6.04
CA LEU A 184 -9.65 2.66 -6.09
C LEU A 184 -10.34 3.07 -4.80
N ILE A 185 -9.86 2.58 -3.65
CA ILE A 185 -10.57 2.84 -2.42
C ILE A 185 -10.58 4.33 -2.13
N GLU A 186 -9.44 5.00 -2.36
CA GLU A 186 -9.36 6.45 -2.18
C GLU A 186 -10.25 7.19 -3.15
N GLN A 187 -10.41 6.67 -4.35
CA GLN A 187 -11.30 7.30 -5.32
C GLN A 187 -12.74 7.35 -4.81
N PHE A 188 -13.18 6.31 -4.12
CA PHE A 188 -14.47 6.34 -3.45
C PHE A 188 -14.47 7.30 -2.27
N LEU A 189 -13.37 7.34 -1.51
CA LEU A 189 -13.34 8.13 -0.28
CA LEU A 189 -13.32 8.14 -0.28
C LEU A 189 -13.34 9.63 -0.54
N LYS A 190 -12.56 10.10 -1.51
CA LYS A 190 -12.30 11.53 -1.67
C LYS A 190 -13.29 12.21 -2.65
N SER A 191 -13.51 13.49 -2.42
CA SER A 191 -14.61 14.17 -3.09
CA SER A 191 -14.61 14.18 -3.09
C SER A 191 -14.38 14.36 -4.58
N SER A 192 -13.12 14.59 -5.01
CA SER A 192 -12.92 14.96 -6.40
C SER A 192 -13.20 13.82 -7.37
N THR A 193 -13.14 12.59 -6.90
CA THR A 193 -13.25 11.41 -7.71
C THR A 193 -14.62 10.74 -7.58
N ASN A 194 -15.40 11.10 -6.58
CA ASN A 194 -16.65 10.41 -6.28
C ASN A 194 -17.79 11.41 -6.44
N GLN A 195 -18.52 11.29 -7.55
CA GLN A 195 -19.70 12.09 -7.81
C GLN A 195 -20.93 11.19 -7.86
N ARG A 196 -20.85 10.05 -7.18
CA ARG A 196 -21.96 9.12 -7.16
C ARG A 196 -23.14 9.69 -6.37
N THR A 197 -24.34 9.23 -6.75
CA THR A 197 -25.58 9.64 -6.12
C THR A 197 -26.30 8.47 -5.44
N ASP A 198 -25.64 7.33 -5.25
CA ASP A 198 -26.21 6.18 -4.57
C ASP A 198 -25.61 6.07 -3.16
N ASP A 199 -25.71 4.88 -2.56
CA ASP A 199 -25.23 4.68 -1.20
C ASP A 199 -23.72 4.75 -1.07
N TYR A 200 -22.99 4.85 -2.18
CA TYR A 200 -21.53 4.95 -2.14
C TYR A 200 -21.01 6.36 -2.39
N GLY A 201 -21.90 7.37 -2.44
CA GLY A 201 -21.46 8.73 -2.66
C GLY A 201 -22.20 9.70 -1.75
N GLY A 202 -21.68 10.92 -1.75
CA GLY A 202 -22.28 12.02 -1.01
C GLY A 202 -21.67 12.18 0.37
N SER A 203 -22.36 11.65 1.37
CA SER A 203 -21.97 11.78 2.76
C SER A 203 -20.63 11.10 3.03
N ILE A 204 -20.01 11.50 4.14
CA ILE A 204 -18.80 10.83 4.61
C ILE A 204 -19.06 9.35 4.82
N GLU A 205 -20.19 9.00 5.45
CA GLU A 205 -20.51 7.60 5.70
C GLU A 205 -20.62 6.83 4.40
N ASN A 206 -21.23 7.43 3.39
CA ASN A 206 -21.38 6.76 2.11
C ASN A 206 -20.04 6.61 1.40
N ARG A 207 -19.20 7.66 1.44
CA ARG A 207 -17.90 7.58 0.79
C ARG A 207 -16.95 6.59 1.46
N ALA A 208 -17.09 6.37 2.76
CA ALA A 208 -16.30 5.38 3.49
C ALA A 208 -16.83 3.96 3.35
N ARG A 209 -18.04 3.80 2.80
CA ARG A 209 -18.72 2.50 2.80
C ARG A 209 -17.90 1.44 2.08
N PHE A 210 -17.36 1.78 0.90
CA PHE A 210 -16.58 0.78 0.15
C PHE A 210 -15.34 0.36 0.93
N LEU A 211 -14.59 1.32 1.46
CA LEU A 211 -13.41 0.98 2.26
C LEU A 211 -13.78 -0.03 3.34
N LEU A 212 -14.86 0.24 4.07
CA LEU A 212 -15.19 -0.61 5.19
C LEU A 212 -15.73 -1.96 4.74
N GLU A 213 -16.36 -2.02 3.57
CA GLU A 213 -16.77 -3.30 3.02
C GLU A 213 -15.58 -4.13 2.60
N VAL A 214 -14.55 -3.49 2.03
CA VAL A 214 -13.31 -4.19 1.69
C VAL A 214 -12.67 -4.74 2.95
N VAL A 215 -12.54 -3.90 3.99
CA VAL A 215 -11.92 -4.36 5.23
C VAL A 215 -12.67 -5.55 5.81
N ASP A 216 -14.01 -5.46 5.86
CA ASP A 216 -14.76 -6.53 6.47
C ASP A 216 -14.71 -7.81 5.61
N ALA A 217 -14.65 -7.67 4.29
CA ALA A 217 -14.50 -8.85 3.41
C ALA A 217 -13.15 -9.54 3.62
N VAL A 218 -12.06 -8.77 3.66
CA VAL A 218 -10.73 -9.34 3.88
C VAL A 218 -10.63 -9.94 5.27
N ALA A 219 -11.07 -9.20 6.29
CA ALA A 219 -10.97 -9.69 7.66
C ALA A 219 -11.76 -10.98 7.88
N GLU A 220 -12.94 -11.10 7.25
CA GLU A 220 -13.71 -12.32 7.37
C GLU A 220 -12.98 -13.49 6.74
N GLU A 221 -12.22 -13.24 5.68
CA GLU A 221 -11.55 -14.31 4.98
C GLU A 221 -10.30 -14.79 5.71
N ILE A 222 -9.48 -13.87 6.22
CA ILE A 222 -8.18 -14.23 6.78
C ILE A 222 -8.04 -13.90 8.25
N GLY A 223 -8.99 -13.22 8.86
CA GLY A 223 -8.88 -12.80 10.25
C GLY A 223 -8.48 -11.34 10.36
N ALA A 224 -9.17 -10.61 11.23
CA ALA A 224 -8.83 -9.20 11.42
C ALA A 224 -7.42 -9.02 11.94
N GLY A 225 -6.92 -9.99 12.72
CA GLY A 225 -5.57 -9.91 13.24
C GLY A 225 -4.48 -10.10 12.22
N ARG A 226 -4.82 -10.45 10.99
CA ARG A 226 -3.84 -10.51 9.90
C ARG A 226 -4.14 -9.47 8.84
N THR A 227 -4.99 -8.49 9.15
CA THR A 227 -5.44 -7.46 8.20
C THR A 227 -4.99 -6.08 8.66
N GLY A 228 -4.25 -5.37 7.80
CA GLY A 228 -3.94 -3.97 8.02
C GLY A 228 -4.36 -3.14 6.82
N ILE A 229 -4.14 -1.83 6.92
CA ILE A 229 -4.59 -0.93 5.86
C ILE A 229 -3.64 0.25 5.80
N ARG A 230 -3.41 0.75 4.59
CA ARG A 230 -2.61 1.95 4.38
C ARG A 230 -3.52 3.12 4.00
N LEU A 231 -3.31 4.26 4.63
CA LEU A 231 -4.12 5.46 4.42
C LEU A 231 -3.20 6.65 4.18
N SER A 232 -3.69 7.63 3.42
CA SER A 232 -2.87 8.79 3.05
C SER A 232 -3.80 10.00 2.94
N PRO A 233 -4.10 10.64 4.08
CA PRO A 233 -5.20 11.63 4.12
C PRO A 233 -5.05 12.82 3.19
N VAL A 234 -3.85 13.30 2.89
CA VAL A 234 -3.72 14.56 2.17
C VAL A 234 -2.97 14.43 0.86
N THR A 235 -2.58 13.25 0.48
CA THR A 235 -1.65 13.16 -0.63
C THR A 235 -2.30 13.58 -1.95
N PRO A 236 -1.57 14.28 -2.81
CA PRO A 236 -2.09 14.65 -4.13
C PRO A 236 -1.82 13.61 -5.21
N ALA A 237 -1.31 12.46 -4.84
CA ALA A 237 -0.97 11.42 -5.80
C ALA A 237 -2.13 11.11 -6.73
N ASN A 238 -1.81 10.91 -8.00
CA ASN A 238 -2.77 10.44 -8.99
C ASN A 238 -4.00 11.34 -9.10
N ASP A 239 -3.73 12.65 -9.02
CA ASP A 239 -4.67 13.69 -9.44
C ASP A 239 -5.89 13.81 -8.53
N ILE A 240 -5.81 13.37 -7.28
CA ILE A 240 -6.96 13.29 -6.37
C ILE A 240 -6.94 14.49 -5.45
N PHE A 241 -8.13 14.89 -4.99
CA PHE A 241 -8.27 16.09 -4.15
C PHE A 241 -9.41 15.89 -3.14
N GLU A 242 -9.18 16.31 -1.90
CA GLU A 242 -10.20 16.32 -0.86
C GLU A 242 -10.02 17.60 -0.07
N ALA A 243 -11.06 18.42 0.03
CA ALA A 243 -10.91 19.72 0.67
C ALA A 243 -11.01 19.63 2.20
N ASP A 244 -11.64 18.59 2.74
CA ASP A 244 -11.95 18.52 4.17
C ASP A 244 -11.61 17.12 4.67
N PRO A 245 -10.33 16.76 4.66
CA PRO A 245 -9.94 15.41 5.06
C PRO A 245 -10.16 15.09 6.53
N GLN A 246 -10.17 16.06 7.45
CA GLN A 246 -10.18 15.65 8.86
C GLN A 246 -11.47 14.93 9.25
N PRO A 247 -12.66 15.46 8.98
CA PRO A 247 -13.87 14.71 9.39
C PRO A 247 -13.99 13.38 8.69
N LEU A 248 -13.54 13.33 7.43
CA LEU A 248 -13.60 12.11 6.63
C LEU A 248 -12.74 11.03 7.23
N TYR A 249 -11.46 11.36 7.44
CA TYR A 249 -10.50 10.38 7.89
C TYR A 249 -10.65 10.06 9.37
N ASN A 250 -11.06 11.03 10.19
CA ASN A 250 -11.37 10.70 11.58
C ASN A 250 -12.52 9.71 11.63
N TYR A 251 -13.53 9.88 10.78
CA TYR A 251 -14.63 8.92 10.74
C TYR A 251 -14.11 7.54 10.33
N VAL A 252 -13.29 7.49 9.28
CA VAL A 252 -12.78 6.20 8.80
C VAL A 252 -12.07 5.46 9.93
N VAL A 253 -11.14 6.13 10.61
CA VAL A 253 -10.39 5.38 11.63
C VAL A 253 -11.22 5.12 12.88
N GLU A 254 -12.22 5.95 13.19
CA GLU A 254 -13.15 5.60 14.26
CA GLU A 254 -13.15 5.60 14.26
C GLU A 254 -13.81 4.26 13.95
N GLN A 255 -14.21 4.06 12.70
CA GLN A 255 -14.82 2.80 12.33
C GLN A 255 -13.81 1.66 12.33
N LEU A 256 -12.57 1.93 11.86
CA LEU A 256 -11.54 0.90 11.88
C LEU A 256 -11.15 0.52 13.29
N GLY A 257 -11.29 1.45 14.24
CA GLY A 257 -11.00 1.16 15.63
C GLY A 257 -11.91 0.13 16.25
N LYS A 258 -13.03 -0.16 15.61
CA LYS A 258 -14.00 -1.14 16.06
C LYS A 258 -13.72 -2.54 15.54
N ARG A 259 -12.74 -2.69 14.66
CA ARG A 259 -12.58 -3.91 13.86
C ARG A 259 -11.37 -4.79 14.19
N ASN A 260 -10.66 -4.53 15.27
CA ASN A 260 -9.64 -5.48 15.75
C ASN A 260 -8.56 -5.73 14.70
N LEU A 261 -8.14 -4.68 14.00
CA LEU A 261 -7.17 -4.81 12.91
C LEU A 261 -5.74 -4.89 13.45
N ALA A 262 -4.85 -5.44 12.59
CA ALA A 262 -3.46 -5.67 12.98
C ALA A 262 -2.66 -4.40 13.00
N PHE A 263 -2.89 -3.50 12.03
CA PHE A 263 -2.11 -2.29 11.92
C PHE A 263 -2.80 -1.28 11.02
N ILE A 264 -2.48 -0.01 11.29
CA ILE A 264 -2.82 1.13 10.44
C ILE A 264 -1.50 1.73 10.00
N HIS A 265 -1.32 1.90 8.70
CA HIS A 265 -0.12 2.46 8.10
C HIS A 265 -0.49 3.79 7.47
N VAL A 266 0.08 4.88 7.98
CA VAL A 266 -0.31 6.22 7.58
CA VAL A 266 -0.31 6.22 7.58
C VAL A 266 0.84 6.93 6.88
N VAL A 267 0.55 7.46 5.70
CA VAL A 267 1.44 8.37 4.97
C VAL A 267 1.16 9.77 5.48
N GLU A 268 2.18 10.40 6.06
CA GLU A 268 2.06 11.73 6.63
C GLU A 268 2.51 12.74 5.59
N GLY A 269 1.56 13.46 5.02
CA GLY A 269 1.86 14.46 4.01
C GLY A 269 1.70 13.95 2.59
N ALA A 270 2.31 14.69 1.66
CA ALA A 270 2.33 14.26 0.28
C ALA A 270 3.28 13.08 0.12
N THR A 271 2.80 12.00 -0.51
CA THR A 271 3.64 10.81 -0.64
C THR A 271 4.91 11.15 -1.37
N GLY A 272 6.05 10.98 -0.70
CA GLY A 272 7.33 11.32 -1.28
C GLY A 272 7.62 12.80 -1.35
N GLY A 273 6.78 13.63 -0.74
CA GLY A 273 6.94 15.06 -0.73
C GLY A 273 6.76 15.61 0.66
N PRO A 274 6.37 16.88 0.78
CA PRO A 274 6.38 17.53 2.08
C PRO A 274 5.43 16.88 3.08
N ARG A 275 5.94 16.70 4.31
CA ARG A 275 5.14 16.16 5.40
C ARG A 275 4.03 17.11 5.82
N ASP A 276 4.22 18.42 5.63
CA ASP A 276 3.22 19.40 6.05
C ASP A 276 2.26 19.80 4.92
N PHE A 277 2.23 19.03 3.84
CA PHE A 277 1.35 19.30 2.73
C PHE A 277 -0.12 19.34 3.17
N LYS A 278 -0.88 20.24 2.54
CA LYS A 278 -2.32 20.20 2.66
C LYS A 278 -2.90 20.61 1.32
N GLN A 279 -4.14 20.20 1.10
CA GLN A 279 -4.89 20.59 -0.08
C GLN A 279 -5.96 21.62 0.23
N GLY A 280 -6.71 21.41 1.29
CA GLY A 280 -7.74 22.34 1.68
C GLY A 280 -7.19 23.46 2.55
N ASP A 281 -8.13 24.18 3.18
CA ASP A 281 -7.78 25.34 3.96
C ASP A 281 -7.13 25.01 5.29
N LYS A 282 -7.47 23.84 5.90
CA LYS A 282 -6.99 23.53 7.25
C LYS A 282 -5.86 22.51 7.21
N PRO A 283 -4.78 22.71 7.96
CA PRO A 283 -3.78 21.64 8.09
C PRO A 283 -4.37 20.42 8.77
N PHE A 284 -3.95 19.24 8.33
CA PHE A 284 -4.41 17.99 8.91
C PHE A 284 -3.71 17.77 10.24
N ASP A 285 -4.49 17.32 11.24
CA ASP A 285 -4.00 17.08 12.59
C ASP A 285 -3.83 15.57 12.74
N TYR A 286 -2.58 15.08 12.64
CA TYR A 286 -2.33 13.66 12.71
C TYR A 286 -2.49 13.10 14.13
N ALA A 287 -2.28 13.92 15.15
CA ALA A 287 -2.56 13.48 16.53
C ALA A 287 -4.05 13.26 16.75
N SER A 288 -4.90 14.15 16.22
CA SER A 288 -6.34 14.01 16.34
C SER A 288 -6.82 12.76 15.61
N PHE A 289 -6.22 12.51 14.45
CA PHE A 289 -6.50 11.33 13.65
C PHE A 289 -6.17 10.05 14.40
N LYS A 290 -4.96 9.98 14.99
CA LYS A 290 -4.61 8.82 15.78
C LYS A 290 -5.50 8.67 16.99
N ALA A 291 -5.86 9.79 17.63
CA ALA A 291 -6.74 9.71 18.79
C ALA A 291 -8.13 9.20 18.41
N ALA A 292 -8.60 9.49 17.19
CA ALA A 292 -9.90 8.99 16.76
C ALA A 292 -9.87 7.47 16.68
N TYR A 293 -8.74 6.91 16.25
CA TYR A 293 -8.59 5.47 16.19
C TYR A 293 -8.52 4.89 17.60
N ARG A 294 -7.62 5.41 18.44
CA ARG A 294 -7.44 4.86 19.79
C ARG A 294 -8.70 4.99 20.62
N ASN A 295 -9.37 6.15 20.53
CA ASN A 295 -10.50 6.40 21.40
C ASN A 295 -11.70 5.53 21.04
N ALA A 296 -11.73 5.00 19.81
CA ALA A 296 -12.75 4.06 19.40
C ALA A 296 -12.44 2.63 19.79
N GLY A 297 -11.31 2.40 20.45
CA GLY A 297 -10.90 1.06 20.81
C GLY A 297 -9.80 0.48 19.96
N GLY A 298 -9.23 1.25 19.04
CA GLY A 298 -8.28 0.70 18.10
C GLY A 298 -6.98 0.33 18.78
N LYS A 299 -6.55 -0.91 18.57
CA LYS A 299 -5.34 -1.45 19.19
C LYS A 299 -4.31 -1.90 18.16
N GLY A 300 -4.54 -1.62 16.89
CA GLY A 300 -3.57 -1.98 15.87
C GLY A 300 -2.28 -1.22 16.05
N LEU A 301 -1.22 -1.79 15.48
CA LEU A 301 0.07 -1.12 15.48
C LEU A 301 -0.01 0.11 14.58
N TRP A 302 0.46 1.25 15.08
CA TRP A 302 0.38 2.51 14.37
C TRP A 302 1.72 2.74 13.67
N ILE A 303 1.73 2.56 12.34
CA ILE A 303 2.94 2.60 11.53
C ILE A 303 2.91 3.90 10.74
N ALA A 304 3.95 4.69 10.85
CA ALA A 304 3.99 5.97 10.18
C ALA A 304 5.05 5.96 9.09
N ASN A 305 4.80 6.76 8.06
CA ASN A 305 5.66 6.84 6.90
C ASN A 305 5.70 8.27 6.38
N ASN A 306 6.81 8.57 5.70
CA ASN A 306 7.04 9.64 4.73
C ASN A 306 8.06 10.64 5.28
N GLY A 307 9.27 10.58 4.74
CA GLY A 307 10.30 11.54 5.09
C GLY A 307 11.01 11.30 6.40
N TYR A 308 10.86 10.13 7.00
CA TYR A 308 11.58 9.85 8.24
C TYR A 308 13.05 9.60 7.95
N ASP A 309 13.88 9.91 8.95
CA ASP A 309 15.29 9.55 8.97
C ASP A 309 15.60 8.91 10.32
N ARG A 310 16.87 8.58 10.55
CA ARG A 310 17.20 7.84 11.77
C ARG A 310 16.73 8.59 13.01
N GLN A 311 17.11 9.86 13.15
CA GLN A 311 16.84 10.57 14.39
C GLN A 311 15.34 10.77 14.61
N SER A 312 14.61 11.14 13.55
CA SER A 312 13.17 11.36 13.72
C SER A 312 12.42 10.07 13.96
N ALA A 313 12.86 8.96 13.37
CA ALA A 313 12.21 7.69 13.66
C ALA A 313 12.45 7.25 15.09
N ILE A 314 13.68 7.38 15.59
CA ILE A 314 13.95 7.03 16.97
C ILE A 314 13.08 7.86 17.90
N GLU A 315 13.00 9.17 17.64
CA GLU A 315 12.26 10.06 18.54
C GLU A 315 10.76 9.79 18.47
N ALA A 316 10.24 9.47 17.28
CA ALA A 316 8.80 9.26 17.14
C ALA A 316 8.35 8.02 17.91
N VAL A 317 9.17 6.97 17.92
CA VAL A 317 8.80 5.78 18.67
C VAL A 317 8.99 6.01 20.16
N GLU A 318 10.12 6.58 20.58
CA GLU A 318 10.36 6.70 22.00
C GLU A 318 9.40 7.68 22.66
N SER A 319 8.89 8.66 21.90
CA SER A 319 7.94 9.62 22.45
C SER A 319 6.53 9.05 22.52
N GLY A 320 6.29 7.92 21.88
CA GLY A 320 4.95 7.36 21.79
C GLY A 320 4.07 7.93 20.70
N LYS A 321 4.61 8.77 19.80
CA LYS A 321 3.79 9.27 18.70
C LYS A 321 3.41 8.18 17.72
N VAL A 322 4.33 7.25 17.46
CA VAL A 322 4.08 6.15 16.53
C VAL A 322 4.62 4.89 17.17
N ASP A 323 4.11 3.74 16.70
CA ASP A 323 4.60 2.46 17.18
C ASP A 323 5.74 1.91 16.32
N ALA A 324 5.79 2.30 15.06
CA ALA A 324 6.78 1.78 14.13
C ALA A 324 6.87 2.78 12.99
N VAL A 325 7.99 2.71 12.26
CA VAL A 325 8.25 3.61 11.14
C VAL A 325 8.58 2.78 9.90
N ALA A 326 7.89 3.09 8.81
CA ALA A 326 8.13 2.45 7.53
C ALA A 326 8.98 3.37 6.67
N PHE A 327 10.04 2.82 6.11
CA PHE A 327 10.96 3.53 5.25
C PHE A 327 10.82 3.00 3.84
N GLY A 328 10.73 3.91 2.87
CA GLY A 328 10.64 3.54 1.47
C GLY A 328 11.97 3.64 0.75
N LYS A 329 12.37 4.86 0.37
CA LYS A 329 13.58 5.01 -0.44
C LYS A 329 14.82 4.50 0.28
N ALA A 330 14.87 4.61 1.60
CA ALA A 330 16.05 4.11 2.30
C ALA A 330 16.16 2.60 2.20
N PHE A 331 15.03 1.88 2.13
CA PHE A 331 15.09 0.43 1.94
C PHE A 331 15.42 0.04 0.51
N ILE A 332 15.07 0.86 -0.49
CA ILE A 332 15.57 0.61 -1.84
C ILE A 332 17.08 0.46 -1.82
N ALA A 333 17.76 1.37 -1.14
CA ALA A 333 19.20 1.51 -1.27
C ALA A 333 19.99 0.78 -0.20
N ASN A 334 19.34 0.30 0.86
CA ASN A 334 20.03 -0.25 2.03
C ASN A 334 19.35 -1.56 2.40
N PRO A 335 19.81 -2.67 1.85
CA PRO A 335 19.16 -3.95 2.21
C PRO A 335 19.25 -4.22 3.71
N ASP A 336 20.39 -3.90 4.31
CA ASP A 336 20.60 -4.05 5.75
C ASP A 336 20.36 -2.73 6.49
N LEU A 337 19.29 -2.05 6.14
CA LEU A 337 18.94 -0.78 6.80
C LEU A 337 18.87 -0.95 8.30
N VAL A 338 18.31 -2.07 8.77
CA VAL A 338 18.14 -2.26 10.21
C VAL A 338 19.49 -2.19 10.92
N ARG A 339 20.47 -2.95 10.43
CA ARG A 339 21.80 -2.93 11.04
C ARG A 339 22.44 -1.56 10.93
N ARG A 340 22.31 -0.90 9.78
CA ARG A 340 22.90 0.42 9.62
C ARG A 340 22.29 1.40 10.63
N LEU A 341 20.97 1.36 10.80
CA LEU A 341 20.35 2.27 11.77
C LEU A 341 20.75 1.91 13.19
N LYS A 342 20.81 0.61 13.50
CA LYS A 342 21.20 0.23 14.86
C LYS A 342 22.58 0.75 15.20
N ASN A 343 23.51 0.69 14.25
CA ASN A 343 24.90 1.06 14.46
C ASN A 343 25.20 2.52 14.14
N ASP A 344 24.21 3.26 13.67
CA ASP A 344 24.38 4.64 13.21
C ASP A 344 25.42 4.69 12.10
N ALA A 345 25.34 3.76 11.18
CA ALA A 345 26.28 3.70 10.07
C ALA A 345 25.76 4.55 8.91
N PRO A 346 26.64 4.97 8.00
CA PRO A 346 26.17 5.71 6.82
C PRO A 346 25.27 4.86 5.94
N LEU A 347 24.38 5.54 5.22
CA LEU A 347 23.43 4.89 4.32
C LEU A 347 23.86 5.07 2.87
N ASN A 348 23.54 4.08 2.04
CA ASN A 348 23.67 4.26 0.61
C ASN A 348 22.59 5.22 0.12
N ALA A 349 22.90 5.95 -0.95
CA ALA A 349 21.94 6.86 -1.58
C ALA A 349 21.11 6.14 -2.65
N PRO A 350 19.79 6.37 -2.72
CA PRO A 350 19.00 5.71 -3.77
C PRO A 350 19.30 6.30 -5.15
N ASN A 351 19.21 5.43 -6.15
CA ASN A 351 19.38 5.81 -7.56
C ASN A 351 18.00 5.86 -8.23
N GLN A 352 17.42 7.06 -8.29
CA GLN A 352 16.06 7.19 -8.81
C GLN A 352 15.88 6.63 -10.20
N PRO A 353 16.83 6.76 -11.13
CA PRO A 353 16.62 6.23 -12.49
C PRO A 353 16.40 4.74 -12.57
N THR A 354 16.77 3.97 -11.54
CA THR A 354 16.55 2.53 -11.54
C THR A 354 15.44 2.12 -10.57
N PHE A 355 14.62 3.07 -10.12
CA PHE A 355 13.50 2.70 -9.26
C PHE A 355 12.54 1.76 -10.00
N TYR A 356 12.23 2.06 -11.27
CA TYR A 356 11.14 1.39 -11.97
C TYR A 356 11.66 0.66 -13.19
N GLY A 357 11.36 -0.64 -13.26
CA GLY A 357 11.70 -1.44 -14.42
C GLY A 357 13.16 -1.84 -14.42
N GLY A 358 13.55 -2.51 -15.49
CA GLY A 358 14.92 -2.96 -15.63
C GLY A 358 15.18 -4.28 -14.92
N GLY A 359 16.41 -4.42 -14.42
CA GLY A 359 16.86 -5.68 -13.86
C GLY A 359 17.58 -5.48 -12.53
N ALA A 360 18.65 -6.24 -12.34
CA ALA A 360 19.31 -6.28 -11.04
C ALA A 360 19.91 -4.93 -10.67
N GLU A 361 20.34 -4.16 -11.67
CA GLU A 361 21.00 -2.89 -11.39
C GLU A 361 20.01 -1.94 -10.71
N GLY A 362 20.41 -1.40 -9.57
CA GLY A 362 19.50 -0.56 -8.78
C GLY A 362 18.39 -1.31 -8.09
N TYR A 363 18.56 -2.62 -7.90
CA TYR A 363 17.52 -3.47 -7.32
C TYR A 363 18.15 -4.41 -6.30
N THR A 364 18.97 -5.34 -6.76
CA THR A 364 19.62 -6.30 -5.87
C THR A 364 21.12 -6.03 -5.69
N ASP A 365 21.66 -4.98 -6.29
CA ASP A 365 23.10 -4.75 -6.23
C ASP A 365 23.48 -3.60 -5.33
N TYR A 366 22.57 -3.08 -4.52
CA TYR A 366 23.00 -2.16 -3.49
C TYR A 366 23.73 -2.94 -2.39
N PRO A 367 24.89 -2.48 -1.94
CA PRO A 367 25.69 -3.29 -1.01
C PRO A 367 25.21 -3.20 0.43
N ALA A 368 25.38 -4.32 1.12
CA ALA A 368 25.28 -4.34 2.56
C ALA A 368 26.62 -3.95 3.18
N LEU A 369 26.60 -3.71 4.48
CA LEU A 369 27.83 -3.45 5.21
C LEU A 369 28.72 -4.67 5.22
N ALA A 370 30.02 -4.44 5.41
CA ALA A 370 30.99 -5.51 5.55
C ALA A 370 30.45 -6.64 6.43
N1 FMN B . 3.34 3.32 -1.91
C2 FMN B . 2.41 2.30 -1.86
O2 FMN B . 1.47 2.32 -1.04
N3 FMN B . 2.54 1.22 -2.70
C4 FMN B . 3.52 1.05 -3.67
O4 FMN B . 3.58 0.02 -4.34
C4A FMN B . 4.47 2.14 -3.74
N5 FMN B . 5.45 2.06 -4.61
C5A FMN B . 6.44 3.02 -4.56
C6 FMN B . 7.55 2.87 -5.39
C7 FMN B . 8.62 3.75 -5.30
C7M FMN B . 9.81 3.53 -6.21
C8 FMN B . 8.61 4.79 -4.38
C8M FMN B . 9.78 5.72 -4.20
C9 FMN B . 7.49 4.96 -3.55
C9A FMN B . 6.42 4.07 -3.63
N10 FMN B . 5.33 4.14 -2.73
C10 FMN B . 4.33 3.21 -2.79
C1' FMN B . 5.39 5.12 -1.64
C2' FMN B . 6.30 4.62 -0.52
O2' FMN B . 5.74 3.46 0.10
C3' FMN B . 6.56 5.68 0.55
O3' FMN B . 5.32 6.14 1.07
C4' FMN B . 7.35 6.89 0.05
O4' FMN B . 8.54 6.45 -0.61
C5' FMN B . 7.67 7.87 1.16
O5' FMN B . 8.51 7.25 2.16
P FMN B . 10.10 7.51 2.30
O1P FMN B . 10.23 8.99 2.62
O2P FMN B . 10.69 7.19 0.95
O3P FMN B . 10.53 6.60 3.40
C4 8OZ C . 5.13 4.58 -7.69
C5 8OZ C . 4.98 4.11 -8.98
C6 8OZ C . 3.89 3.34 -9.30
C7 8OZ C . 2.94 3.02 -8.34
C8 8OZ C . 1.64 4.07 -5.00
C 8OZ C . 1.71 1.80 -5.93
O 8OZ C . 0.98 3.72 -4.04
C1 8OZ C . 2.13 3.05 -5.98
C2 8OZ C . 3.09 3.48 -7.03
C3 8OZ C . 4.19 4.28 -6.73
O1 8OZ C . 1.92 5.32 -5.24
C1 GOL D . -23.73 6.00 -9.18
O1 GOL D . -24.56 6.87 -8.50
C2 GOL D . -23.47 6.61 -10.58
O2 GOL D . -22.95 7.88 -10.50
C3 GOL D . -22.50 5.62 -11.28
O3 GOL D . -23.24 4.47 -11.60
C1 GOL E . -12.66 -12.12 12.24
O1 GOL E . -11.39 -11.65 12.52
C2 GOL E . -13.64 -10.95 12.45
O2 GOL E . -13.20 -10.00 13.35
C3 GOL E . -13.84 -10.39 11.05
O3 GOL E . -14.73 -11.26 10.45
C1 GOL F . -14.38 9.13 21.87
O1 GOL F . -14.93 10.28 22.41
C2 GOL F . -15.54 8.38 21.17
O2 GOL F . -16.19 9.19 20.26
C3 GOL F . -14.87 7.10 20.54
O3 GOL F . -15.11 7.08 19.14
C ACT G . 6.17 8.18 -4.66
O ACT G . 6.71 8.68 -3.65
OXT ACT G . 5.05 7.65 -4.47
CH3 ACT G . 6.83 8.19 -6.02
C ACT H . -6.61 9.68 -22.61
O ACT H . -5.78 10.62 -22.57
OXT ACT H . -6.25 8.66 -23.25
CH3 ACT H . -7.94 9.77 -21.94
C ACT I . -10.29 -16.47 9.98
O ACT I . -9.93 -16.20 11.15
OXT ACT I . -11.29 -15.84 9.57
CH3 ACT I . -9.56 -17.47 9.14
C ACT J . -22.63 -4.92 -2.83
O ACT J . -22.09 -5.19 -1.73
OXT ACT J . -22.93 -3.72 -3.00
CH3 ACT J . -22.87 -5.96 -3.87
#